data_5AM6
#
_entry.id   5AM6
#
_cell.length_a   208.670
_cell.length_b   57.590
_cell.length_c   65.560
_cell.angle_alpha   90.00
_cell.angle_beta   107.39
_cell.angle_gamma   90.00
#
_symmetry.space_group_name_H-M   'C 1 2 1'
#
loop_
_entity.id
_entity.type
_entity.pdbx_description
1 polymer 'FIBROBLAST GROWTH FACTOR RECEPTOR 1'
2 non-polymer 'CHLORIDE ION'
3 non-polymer 4-amino-5-fluoro-3-[5-(4-methylpiperazin-1-yl)-1H-benzimidazol-2-yl]quinolin-2(1H)-one
4 water water
#
_entity_poly.entity_id   1
_entity_poly.type   'polypeptide(L)'
_entity_poly.pdbx_seq_one_letter_code
;MVAGVSEYELPEDPRWELPRDRLVLGKPLGEGAFGQVVLAEAIGLDKDKPNRVTKVAVKMLKSDATEKDLSDLISEMEMM
KMIGKHKNIINLLGACTQDGPLYVIVEYASKGNLREYLQARRPPGLEYSYNPSHNPEEQLSSKDLVSCAYQVARGMEYLA
SKKCIHRDLAARNVLVTEDNVMKIADFGLARDIHHIDYYKKTTNGRLPVKWMAPEALFDRIYTHQSDVWSFGVLLWEIFT
LGGSPYPGVPVEELFKLLKEGHRMDKPSNCTNELYMMMRDCWHAVPSQRPTFKQLVEDLDRIVALTSNQE
;
_entity_poly.pdbx_strand_id   A,B
#
loop_
_chem_comp.id
_chem_comp.type
_chem_comp.name
_chem_comp.formula
38O non-polymer 4-amino-5-fluoro-3-[5-(4-methylpiperazin-1-yl)-1H-benzimidazol-2-yl]quinolin-2(1H)-one 'C21 H21 F N6 O'
CL non-polymer 'CHLORIDE ION' 'Cl -1'
#
# COMPACT_ATOMS: atom_id res chain seq x y z
N VAL A 2 -39.64 -26.66 -7.99
CA VAL A 2 -40.33 -26.72 -6.67
C VAL A 2 -39.65 -25.78 -5.67
N ALA A 3 -40.06 -24.52 -5.68
CA ALA A 3 -39.47 -23.45 -4.86
C ALA A 3 -37.98 -23.25 -5.20
N GLY A 4 -37.08 -23.65 -4.31
CA GLY A 4 -35.65 -23.64 -4.60
C GLY A 4 -35.08 -25.05 -4.76
N VAL A 5 -35.96 -26.06 -4.72
CA VAL A 5 -35.54 -27.46 -4.85
C VAL A 5 -35.45 -27.82 -6.32
N SER A 6 -34.36 -28.50 -6.68
CA SER A 6 -34.09 -28.84 -8.07
C SER A 6 -34.93 -30.04 -8.55
N GLU A 7 -35.32 -29.97 -9.82
CA GLU A 7 -36.02 -31.05 -10.52
C GLU A 7 -35.12 -32.28 -10.65
N TYR A 8 -33.83 -32.03 -10.83
CA TYR A 8 -32.81 -33.08 -10.81
C TYR A 8 -32.18 -33.07 -9.42
N GLU A 9 -31.17 -33.91 -9.21
CA GLU A 9 -30.40 -33.89 -7.97
C GLU A 9 -28.92 -33.97 -8.30
N LEU A 10 -28.09 -33.30 -7.51
CA LEU A 10 -26.68 -33.16 -7.81
C LEU A 10 -25.92 -34.41 -7.38
N PRO A 11 -25.02 -34.90 -8.25
CA PRO A 11 -24.19 -36.03 -7.83
C PRO A 11 -23.28 -35.65 -6.67
N GLU A 12 -23.03 -36.60 -5.78
CA GLU A 12 -22.06 -36.37 -4.70
C GLU A 12 -20.63 -36.36 -5.27
N ASP A 13 -19.80 -35.47 -4.73
CA ASP A 13 -18.36 -35.47 -5.03
C ASP A 13 -17.57 -35.30 -3.74
N PRO A 14 -17.08 -36.42 -3.17
CA PRO A 14 -16.35 -36.42 -1.89
C PRO A 14 -15.05 -35.61 -1.89
N ARG A 15 -14.50 -35.33 -3.06
CA ARG A 15 -13.27 -34.54 -3.15
C ARG A 15 -13.50 -33.13 -2.59
N TRP A 16 -14.72 -32.63 -2.75
CA TRP A 16 -15.05 -31.23 -2.47
C TRP A 16 -16.16 -31.01 -1.44
N GLU A 17 -16.89 -32.04 -1.05
CA GLU A 17 -18.08 -31.83 -0.22
C GLU A 17 -17.70 -31.40 1.19
N LEU A 18 -18.35 -30.36 1.68
CA LEU A 18 -18.26 -29.90 3.07
C LEU A 18 -19.66 -29.93 3.69
N PRO A 19 -19.81 -30.49 4.92
CA PRO A 19 -21.16 -30.48 5.55
C PRO A 19 -21.71 -29.06 5.71
N ARG A 20 -23.01 -28.91 5.48
CA ARG A 20 -23.67 -27.61 5.58
C ARG A 20 -23.47 -26.95 6.92
N ASP A 21 -23.46 -27.74 8.00
CA ASP A 21 -23.32 -27.18 9.34
C ASP A 21 -21.94 -26.61 9.66
N ARG A 22 -20.97 -26.85 8.77
CA ARG A 22 -19.63 -26.25 8.90
C ARG A 22 -19.53 -24.83 8.32
N LEU A 23 -20.61 -24.33 7.73
CA LEU A 23 -20.57 -23.04 7.04
C LEU A 23 -21.44 -22.03 7.79
N VAL A 24 -20.81 -21.02 8.39
CA VAL A 24 -21.53 -19.95 9.07
C VAL A 24 -21.69 -18.75 8.13
N LEU A 25 -22.90 -18.59 7.60
CA LEU A 25 -23.17 -17.61 6.54
C LEU A 25 -23.22 -16.18 7.09
N GLY A 26 -22.59 -15.25 6.36
CA GLY A 26 -22.48 -13.85 6.79
C GLY A 26 -23.14 -12.87 5.83
N LYS A 27 -22.57 -11.68 5.72
CA LYS A 27 -23.18 -10.59 4.93
C LYS A 27 -22.99 -10.74 3.42
N PRO A 28 -23.86 -10.11 2.61
CA PRO A 28 -23.67 -10.12 1.16
C PRO A 28 -22.39 -9.40 0.73
N LEU A 29 -21.72 -9.92 -0.29
CA LEU A 29 -20.53 -9.27 -0.87
C LEU A 29 -20.81 -8.72 -2.28
N GLY A 30 -21.62 -9.44 -3.05
CA GLY A 30 -21.99 -9.02 -4.39
C GLY A 30 -23.28 -9.68 -4.85
N GLU A 31 -23.96 -9.05 -5.79
CA GLU A 31 -25.21 -9.57 -6.36
C GLU A 31 -25.38 -9.06 -7.80
N GLY A 35 -28.02 -12.55 -8.10
CA GLY A 35 -26.83 -12.83 -7.31
C GLY A 35 -26.50 -14.31 -7.28
N GLN A 36 -25.78 -14.77 -6.26
CA GLN A 36 -25.36 -13.97 -5.11
C GLN A 36 -24.07 -14.53 -4.49
N VAL A 37 -23.26 -13.65 -3.91
CA VAL A 37 -22.00 -14.01 -3.26
C VAL A 37 -22.01 -13.51 -1.81
N VAL A 38 -21.81 -14.40 -0.83
CA VAL A 38 -21.82 -14.01 0.59
C VAL A 38 -20.57 -14.43 1.33
N LEU A 39 -20.18 -13.62 2.31
CA LEU A 39 -19.03 -13.94 3.15
C LEU A 39 -19.53 -14.96 4.15
N ALA A 40 -18.70 -15.98 4.42
CA ALA A 40 -19.02 -16.99 5.40
C ALA A 40 -17.75 -17.37 6.15
N GLU A 41 -17.94 -18.05 7.27
CA GLU A 41 -16.85 -18.68 8.00
C GLU A 41 -17.03 -20.16 7.80
N ALA A 42 -15.95 -20.82 7.39
CA ALA A 42 -15.96 -22.27 7.21
C ALA A 42 -15.16 -22.88 8.35
N ILE A 43 -15.78 -23.80 9.08
CA ILE A 43 -15.12 -24.49 10.19
C ILE A 43 -14.54 -25.81 9.70
N GLY A 44 -13.23 -25.98 9.90
CA GLY A 44 -12.56 -27.20 9.52
C GLY A 44 -12.58 -27.46 8.02
N LEU A 45 -12.36 -26.42 7.23
CA LEU A 45 -12.18 -26.58 5.79
C LEU A 45 -11.11 -27.60 5.52
N ASP A 46 -9.94 -27.39 6.14
CA ASP A 46 -8.84 -28.34 6.10
C ASP A 46 -9.18 -29.43 7.12
N LYS A 47 -9.20 -30.67 6.67
CA LYS A 47 -9.56 -31.79 7.54
C LYS A 47 -8.46 -32.09 8.56
N ASP A 48 -7.24 -31.64 8.28
CA ASP A 48 -6.16 -31.68 9.26
C ASP A 48 -6.40 -30.74 10.44
N LYS A 49 -6.97 -29.56 10.18
CA LYS A 49 -7.23 -28.55 11.21
C LYS A 49 -8.73 -28.31 11.45
N PRO A 50 -9.40 -29.25 12.13
CA PRO A 50 -10.85 -29.15 12.30
C PRO A 50 -11.34 -27.99 13.19
N ASN A 51 -10.48 -27.39 14.00
CA ASN A 51 -10.88 -26.31 14.92
C ASN A 51 -10.67 -24.89 14.37
N ARG A 52 -10.26 -24.77 13.13
CA ARG A 52 -9.96 -23.46 12.55
C ARG A 52 -11.14 -22.97 11.74
N VAL A 53 -11.42 -21.67 11.81
CA VAL A 53 -12.38 -21.04 10.92
C VAL A 53 -11.62 -20.27 9.84
N THR A 54 -12.08 -20.41 8.61
CA THR A 54 -11.52 -19.72 7.47
C THR A 54 -12.61 -18.87 6.86
N LYS A 55 -12.33 -17.59 6.66
CA LYS A 55 -13.24 -16.71 5.93
C LYS A 55 -13.23 -17.09 4.46
N VAL A 56 -14.42 -17.33 3.90
CA VAL A 56 -14.56 -17.78 2.52
C VAL A 56 -15.72 -17.02 1.91
N ALA A 57 -15.78 -17.02 0.58
CA ALA A 57 -16.92 -16.47 -0.16
C ALA A 57 -17.76 -17.63 -0.64
N VAL A 58 -19.08 -17.46 -0.63
CA VAL A 58 -20.01 -18.53 -0.99
C VAL A 58 -20.92 -18.03 -2.11
N LYS A 59 -20.90 -18.74 -3.24
CA LYS A 59 -21.78 -18.46 -4.38
C LYS A 59 -23.02 -19.33 -4.28
N MET A 60 -24.18 -18.73 -4.53
CA MET A 60 -25.45 -19.43 -4.42
C MET A 60 -26.49 -18.75 -5.30
N LEU A 61 -27.60 -19.45 -5.54
CA LEU A 61 -28.69 -18.94 -6.35
C LEU A 61 -29.65 -18.11 -5.50
N LYS A 62 -30.33 -17.16 -6.13
CA LYS A 62 -31.41 -16.42 -5.49
C LYS A 62 -32.69 -17.25 -5.59
N SER A 63 -33.71 -16.87 -4.83
CA SER A 63 -34.98 -17.62 -4.83
C SER A 63 -35.65 -17.58 -6.21
N ASP A 64 -35.37 -16.54 -6.97
CA ASP A 64 -35.89 -16.38 -8.33
C ASP A 64 -35.40 -17.48 -9.30
N ALA A 65 -34.19 -17.98 -9.09
CA ALA A 65 -33.42 -18.72 -10.10
C ALA A 65 -34.12 -19.93 -10.74
N THR A 66 -33.79 -20.18 -12.00
CA THR A 66 -34.33 -21.28 -12.80
C THR A 66 -33.35 -22.45 -12.82
N GLU A 67 -33.77 -23.55 -13.44
CA GLU A 67 -32.91 -24.72 -13.64
C GLU A 67 -31.68 -24.35 -14.46
N LYS A 68 -31.84 -23.41 -15.39
CA LYS A 68 -30.73 -22.94 -16.23
C LYS A 68 -29.68 -22.19 -15.40
N ASP A 69 -30.14 -21.35 -14.48
CA ASP A 69 -29.25 -20.68 -13.55
C ASP A 69 -28.46 -21.69 -12.71
N LEU A 70 -29.14 -22.73 -12.25
CA LEU A 70 -28.48 -23.79 -11.48
C LEU A 70 -27.44 -24.51 -12.32
N SER A 71 -27.87 -24.89 -13.53
CA SER A 71 -26.98 -25.51 -14.49
C SER A 71 -25.69 -24.70 -14.72
N ASP A 72 -25.82 -23.39 -14.81
CA ASP A 72 -24.67 -22.48 -15.02
C ASP A 72 -23.73 -22.42 -13.79
N LEU A 73 -24.30 -22.50 -12.60
CA LEU A 73 -23.50 -22.49 -11.39
C LEU A 73 -22.77 -23.82 -11.22
N ILE A 74 -23.45 -24.92 -11.54
CA ILE A 74 -22.80 -26.24 -11.56
C ILE A 74 -21.66 -26.27 -12.56
N SER A 75 -21.90 -25.74 -13.77
CA SER A 75 -20.87 -25.66 -14.80
C SER A 75 -19.64 -24.87 -14.35
N GLU A 76 -19.84 -23.73 -13.71
CA GLU A 76 -18.69 -22.99 -13.18
C GLU A 76 -17.91 -23.80 -12.13
N MET A 77 -18.62 -24.41 -11.19
CA MET A 77 -17.98 -25.27 -10.20
C MET A 77 -17.19 -26.40 -10.87
N GLU A 78 -17.77 -27.06 -11.87
CA GLU A 78 -17.06 -28.16 -12.54
C GLU A 78 -15.82 -27.70 -13.32
N MET A 79 -15.89 -26.53 -13.93
CA MET A 79 -14.73 -26.00 -14.66
C MET A 79 -13.62 -25.63 -13.66
N MET A 80 -14.01 -25.07 -12.52
CA MET A 80 -13.02 -24.73 -11.48
C MET A 80 -12.30 -25.97 -10.95
N LYS A 81 -13.03 -27.08 -10.78
CA LYS A 81 -12.40 -28.36 -10.42
C LYS A 81 -11.32 -28.76 -11.43
N MET A 82 -11.65 -28.66 -12.70
CA MET A 82 -10.74 -29.10 -13.76
C MET A 82 -9.52 -28.18 -13.85
N ILE A 83 -9.70 -26.88 -13.65
CA ILE A 83 -8.62 -25.91 -13.91
C ILE A 83 -7.49 -25.99 -12.88
N GLY A 84 -7.82 -26.34 -11.64
CA GLY A 84 -6.81 -26.50 -10.60
C GLY A 84 -6.40 -25.17 -10.00
N LYS A 85 -5.45 -25.22 -9.07
CA LYS A 85 -5.14 -24.08 -8.21
C LYS A 85 -4.02 -23.21 -8.72
N HIS A 86 -4.15 -21.91 -8.45
CA HIS A 86 -3.05 -20.99 -8.68
C HIS A 86 -3.18 -19.80 -7.73
N LYS A 87 -2.05 -19.25 -7.32
CA LYS A 87 -2.02 -18.11 -6.38
C LYS A 87 -2.79 -16.88 -6.88
N ASN A 88 -2.80 -16.68 -8.20
CA ASN A 88 -3.39 -15.48 -8.75
C ASN A 88 -4.73 -15.69 -9.45
N ILE A 89 -5.45 -16.74 -9.05
CA ILE A 89 -6.86 -16.89 -9.44
C ILE A 89 -7.67 -17.15 -8.17
N ILE A 90 -8.97 -16.93 -8.25
CA ILE A 90 -9.88 -17.29 -7.17
C ILE A 90 -10.11 -18.79 -7.23
N ASN A 91 -9.71 -19.50 -6.18
CA ASN A 91 -9.75 -20.95 -6.20
C ASN A 91 -11.03 -21.53 -5.63
N LEU A 92 -11.43 -22.69 -6.13
CA LEU A 92 -12.50 -23.48 -5.53
C LEU A 92 -11.99 -24.07 -4.22
N LEU A 93 -12.80 -23.99 -3.17
CA LEU A 93 -12.42 -24.52 -1.85
C LEU A 93 -13.33 -25.67 -1.41
N GLY A 94 -14.57 -25.70 -1.88
CA GLY A 94 -15.48 -26.76 -1.51
C GLY A 94 -16.86 -26.46 -2.04
N ALA A 95 -17.78 -27.36 -1.72
CA ALA A 95 -19.19 -27.18 -2.08
C ALA A 95 -20.08 -27.89 -1.08
N CYS A 96 -21.30 -27.39 -0.94
CA CYS A 96 -22.41 -28.10 -0.30
C CYS A 96 -23.43 -28.38 -1.37
N THR A 97 -23.57 -29.63 -1.76
CA THR A 97 -24.45 -30.00 -2.88
C THR A 97 -25.66 -30.84 -2.47
N GLN A 98 -25.64 -31.36 -1.24
CA GLN A 98 -26.61 -32.33 -0.78
C GLN A 98 -27.63 -31.72 0.19
N ASP A 99 -28.88 -32.17 0.07
CA ASP A 99 -29.92 -31.89 1.05
C ASP A 99 -30.08 -30.40 1.34
N GLY A 100 -30.25 -29.61 0.29
CA GLY A 100 -30.37 -28.18 0.41
C GLY A 100 -29.82 -27.50 -0.84
N PRO A 101 -29.84 -26.16 -0.85
CA PRO A 101 -29.41 -25.41 -2.03
C PRO A 101 -27.90 -25.47 -2.24
N LEU A 102 -27.49 -25.41 -3.50
CA LEU A 102 -26.09 -25.51 -3.87
C LEU A 102 -25.28 -24.32 -3.38
N TYR A 103 -24.20 -24.60 -2.64
CA TYR A 103 -23.24 -23.59 -2.25
C TYR A 103 -21.92 -23.97 -2.88
N VAL A 104 -21.31 -23.01 -3.58
CA VAL A 104 -19.97 -23.18 -4.13
C VAL A 104 -19.06 -22.28 -3.33
N ILE A 105 -18.11 -22.87 -2.62
CA ILE A 105 -17.27 -22.14 -1.70
C ILE A 105 -15.94 -21.81 -2.38
N VAL A 106 -15.63 -20.52 -2.46
CA VAL A 106 -14.43 -20.02 -3.14
C VAL A 106 -13.67 -19.03 -2.27
N GLU A 107 -12.48 -18.63 -2.74
CA GLU A 107 -11.63 -17.73 -1.96
C GLU A 107 -12.23 -16.34 -1.74
N TYR A 108 -12.02 -15.86 -0.52
CA TYR A 108 -12.44 -14.55 -0.10
C TYR A 108 -11.29 -13.57 -0.32
N ALA A 109 -11.61 -12.43 -0.92
CA ALA A 109 -10.65 -11.37 -1.14
C ALA A 109 -11.15 -10.17 -0.34
N SER A 110 -10.45 -9.87 0.76
CA SER A 110 -10.98 -8.94 1.76
C SER A 110 -10.95 -7.47 1.32
N LYS A 111 -10.10 -7.14 0.35
CA LYS A 111 -10.02 -5.75 -0.11
C LYS A 111 -10.87 -5.49 -1.36
N GLY A 112 -11.64 -6.48 -1.83
CA GLY A 112 -12.56 -6.28 -2.95
C GLY A 112 -11.88 -6.12 -4.31
N ASN A 113 -12.60 -5.56 -5.29
CA ASN A 113 -12.08 -5.54 -6.66
C ASN A 113 -11.01 -4.50 -6.93
N LEU A 114 -10.23 -4.73 -7.97
CA LEU A 114 -9.06 -3.92 -8.26
C LEU A 114 -9.44 -2.51 -8.69
N ARG A 115 -10.60 -2.32 -9.31
CA ARG A 115 -11.00 -0.98 -9.73
C ARG A 115 -11.17 -0.07 -8.51
N GLU A 116 -11.95 -0.51 -7.53
CA GLU A 116 -12.14 0.26 -6.29
C GLU A 116 -10.85 0.40 -5.49
N TYR A 117 -10.11 -0.70 -5.37
CA TYR A 117 -8.82 -0.67 -4.70
C TYR A 117 -7.90 0.43 -5.26
N LEU A 118 -7.86 0.56 -6.59
CA LEU A 118 -7.03 1.57 -7.23
C LEU A 118 -7.55 2.99 -7.01
N GLN A 119 -8.87 3.14 -7.12
CA GLN A 119 -9.51 4.45 -6.99
C GLN A 119 -9.36 5.02 -5.57
N ALA A 120 -9.57 4.18 -4.57
CA ALA A 120 -9.40 4.54 -3.17
C ALA A 120 -8.01 5.06 -2.84
N ARG A 121 -7.03 4.72 -3.68
CA ARG A 121 -5.62 5.06 -3.44
C ARG A 121 -5.07 6.18 -4.33
N ARG A 122 -5.96 6.89 -5.02
CA ARG A 122 -5.57 8.11 -5.74
C ARG A 122 -5.20 9.20 -4.73
N PRO A 123 -4.22 10.07 -5.07
CA PRO A 123 -3.96 11.22 -4.19
C PRO A 123 -5.21 12.07 -4.00
N PRO A 124 -5.42 12.59 -2.78
CA PRO A 124 -6.64 13.37 -2.51
C PRO A 124 -6.72 14.66 -3.33
N GLY A 125 -7.92 15.01 -3.78
CA GLY A 125 -8.14 16.24 -4.56
C GLY A 125 -8.35 17.46 -3.69
N GLU A 137 -5.80 3.95 1.68
CA GLU A 137 -5.62 5.21 0.97
C GLU A 137 -4.16 5.60 0.79
N GLU A 138 -3.24 4.89 1.44
CA GLU A 138 -1.81 5.10 1.22
C GLU A 138 -1.50 4.94 -0.28
N GLN A 139 -0.76 5.87 -0.86
CA GLN A 139 -0.51 5.88 -2.31
C GLN A 139 0.32 4.70 -2.78
N LEU A 140 0.19 4.37 -4.07
CA LEU A 140 0.89 3.26 -4.67
C LEU A 140 2.09 3.77 -5.43
N SER A 141 3.23 3.12 -5.26
CA SER A 141 4.42 3.47 -6.02
C SER A 141 4.36 2.85 -7.41
N SER A 142 5.20 3.35 -8.30
CA SER A 142 5.33 2.79 -9.63
C SER A 142 5.58 1.28 -9.57
N LYS A 143 6.48 0.83 -8.69
CA LYS A 143 6.73 -0.60 -8.55
C LYS A 143 5.47 -1.38 -8.15
N ASP A 144 4.67 -0.83 -7.23
CA ASP A 144 3.43 -1.48 -6.80
C ASP A 144 2.45 -1.69 -7.95
N LEU A 145 2.33 -0.68 -8.81
CA LEU A 145 1.39 -0.76 -9.93
C LEU A 145 1.82 -1.81 -10.94
N VAL A 146 3.12 -1.85 -11.20
CA VAL A 146 3.68 -2.80 -12.13
C VAL A 146 3.63 -4.23 -11.57
N SER A 147 3.76 -4.38 -10.25
CA SER A 147 3.63 -5.68 -9.60
C SER A 147 2.18 -6.20 -9.64
N CYS A 148 1.23 -5.29 -9.47
CA CYS A 148 -0.16 -5.62 -9.68
C CYS A 148 -0.42 -6.14 -11.11
N ALA A 149 0.14 -5.48 -12.12
CA ALA A 149 0.02 -5.94 -13.51
C ALA A 149 0.66 -7.32 -13.66
N TYR A 150 1.84 -7.48 -13.07
CA TYR A 150 2.56 -8.77 -13.09
C TYR A 150 1.71 -9.94 -12.60
N GLN A 151 1.03 -9.75 -11.48
CA GLN A 151 0.26 -10.81 -10.85
C GLN A 151 -0.95 -11.20 -11.67
N VAL A 152 -1.61 -10.20 -12.24
CA VAL A 152 -2.75 -10.43 -13.13
C VAL A 152 -2.26 -11.20 -14.36
N ALA A 153 -1.12 -10.81 -14.93
CA ALA A 153 -0.58 -11.51 -16.09
C ALA A 153 -0.23 -12.96 -15.76
N ARG A 154 0.30 -13.20 -14.57
CA ARG A 154 0.61 -14.56 -14.11
C ARG A 154 -0.62 -15.43 -13.99
N GLY A 155 -1.67 -14.89 -13.41
CA GLY A 155 -2.97 -15.57 -13.31
C GLY A 155 -3.49 -15.95 -14.70
N MET A 156 -3.42 -15.01 -15.63
CA MET A 156 -3.87 -15.25 -17.01
C MET A 156 -2.97 -16.24 -17.76
N GLU A 157 -1.66 -16.19 -17.53
CA GLU A 157 -0.74 -17.17 -18.10
C GLU A 157 -1.12 -18.59 -17.65
N TYR A 158 -1.46 -18.74 -16.36
CA TYR A 158 -1.90 -20.01 -15.82
C TYR A 158 -3.20 -20.44 -16.50
N LEU A 159 -4.19 -19.56 -16.48
CA LEU A 159 -5.47 -19.88 -17.10
C LEU A 159 -5.31 -20.25 -18.59
N ALA A 160 -4.55 -19.45 -19.34
CA ALA A 160 -4.24 -19.75 -20.75
C ALA A 160 -3.58 -21.13 -20.91
N SER A 161 -2.63 -21.46 -20.04
CA SER A 161 -1.94 -22.75 -20.09
C SER A 161 -2.91 -23.91 -19.90
N LYS A 162 -3.97 -23.67 -19.13
CA LYS A 162 -5.05 -24.62 -18.96
C LYS A 162 -6.17 -24.49 -19.99
N LYS A 163 -5.91 -23.76 -21.08
CA LYS A 163 -6.84 -23.64 -22.21
C LYS A 163 -8.14 -22.93 -21.87
N CYS A 164 -8.12 -22.09 -20.84
CA CYS A 164 -9.30 -21.34 -20.41
C CYS A 164 -9.24 -19.95 -21.01
N ILE A 165 -10.30 -19.57 -21.72
CA ILE A 165 -10.45 -18.22 -22.25
C ILE A 165 -11.42 -17.49 -21.31
N HIS A 166 -11.00 -16.34 -20.80
CA HIS A 166 -11.77 -15.66 -19.76
C HIS A 166 -13.01 -15.01 -20.34
N ARG A 167 -12.79 -14.15 -21.34
CA ARG A 167 -13.85 -13.40 -22.07
C ARG A 167 -14.31 -12.08 -21.40
N ASP A 168 -14.01 -11.88 -20.13
CA ASP A 168 -14.41 -10.64 -19.43
C ASP A 168 -13.31 -10.12 -18.52
N LEU A 169 -12.07 -10.19 -18.98
CA LEU A 169 -10.97 -9.73 -18.17
C LEU A 169 -11.04 -8.20 -18.07
N ALA A 170 -11.00 -7.71 -16.84
CA ALA A 170 -11.13 -6.29 -16.51
C ALA A 170 -10.83 -6.13 -15.02
N ALA A 171 -10.47 -4.93 -14.59
CA ALA A 171 -10.13 -4.69 -13.19
C ALA A 171 -11.26 -5.08 -12.23
N ARG A 172 -12.50 -4.96 -12.69
CA ARG A 172 -13.66 -5.35 -11.89
C ARG A 172 -13.68 -6.84 -11.57
N ASN A 173 -13.07 -7.67 -12.42
CA ASN A 173 -13.00 -9.11 -12.19
C ASN A 173 -11.66 -9.59 -11.67
N VAL A 174 -10.86 -8.66 -11.14
CA VAL A 174 -9.67 -8.97 -10.39
C VAL A 174 -9.94 -8.59 -8.92
N LEU A 175 -9.69 -9.50 -8.00
CA LEU A 175 -9.92 -9.25 -6.57
C LEU A 175 -8.61 -9.17 -5.82
N VAL A 176 -8.63 -8.48 -4.68
CA VAL A 176 -7.42 -8.21 -3.94
C VAL A 176 -7.58 -8.78 -2.52
N THR A 177 -6.63 -9.61 -2.10
CA THR A 177 -6.68 -10.24 -0.77
C THR A 177 -6.13 -9.32 0.30
N GLU A 178 -6.25 -9.72 1.56
CA GLU A 178 -5.76 -8.93 2.69
C GLU A 178 -4.26 -8.65 2.56
N ASP A 179 -3.53 -9.57 1.95
CA ASP A 179 -2.10 -9.36 1.69
C ASP A 179 -1.81 -8.79 0.30
N ASN A 180 -2.78 -8.11 -0.30
CA ASN A 180 -2.60 -7.48 -1.62
C ASN A 180 -2.15 -8.45 -2.72
N VAL A 181 -2.70 -9.67 -2.72
CA VAL A 181 -2.50 -10.62 -3.80
C VAL A 181 -3.64 -10.39 -4.79
N MET A 182 -3.30 -10.26 -6.06
CA MET A 182 -4.29 -10.12 -7.12
C MET A 182 -4.79 -11.50 -7.52
N LYS A 183 -6.10 -11.67 -7.60
CA LYS A 183 -6.71 -12.93 -8.01
C LYS A 183 -7.76 -12.69 -9.08
N ILE A 184 -7.61 -13.39 -10.20
CA ILE A 184 -8.57 -13.31 -11.28
C ILE A 184 -9.83 -14.05 -10.84
N ALA A 185 -10.98 -13.40 -11.01
CA ALA A 185 -12.27 -13.99 -10.67
C ALA A 185 -13.09 -14.25 -11.92
N ASP A 186 -14.05 -15.15 -11.76
CA ASP A 186 -15.11 -15.39 -12.74
C ASP A 186 -14.60 -15.87 -14.12
N PHE A 187 -13.52 -16.62 -14.10
CA PHE A 187 -12.92 -17.20 -15.32
C PHE A 187 -13.64 -18.45 -15.80
N GLY A 188 -14.43 -19.06 -14.93
CA GLY A 188 -15.17 -20.28 -15.25
C GLY A 188 -16.64 -20.09 -15.55
N LEU A 189 -17.08 -18.84 -15.74
CA LEU A 189 -18.50 -18.57 -15.99
C LEU A 189 -18.98 -19.08 -17.35
N ALA A 190 -20.16 -19.68 -17.36
CA ALA A 190 -20.83 -20.04 -18.60
C ALA A 190 -21.56 -18.80 -19.12
N ARG A 191 -21.21 -18.38 -20.31
CA ARG A 191 -21.82 -17.21 -20.94
C ARG A 191 -22.27 -17.57 -22.34
N ASP A 192 -23.49 -17.20 -22.69
CA ASP A 192 -23.95 -17.29 -24.07
C ASP A 192 -23.61 -15.95 -24.74
N ILE A 193 -22.50 -15.94 -25.47
CA ILE A 193 -21.97 -14.72 -26.11
C ILE A 193 -22.87 -14.19 -27.24
N HIS A 194 -23.77 -15.04 -27.74
CA HIS A 194 -24.76 -14.63 -28.72
C HIS A 194 -25.83 -13.76 -28.07
N HIS A 195 -26.09 -14.01 -26.80
CA HIS A 195 -27.17 -13.34 -26.07
C HIS A 195 -26.73 -12.08 -25.29
N ILE A 196 -25.43 -11.74 -25.31
CA ILE A 196 -24.96 -10.59 -24.52
C ILE A 196 -25.46 -9.24 -25.03
N ASP A 197 -25.99 -8.45 -24.11
CA ASP A 197 -26.53 -7.14 -24.43
C ASP A 197 -25.39 -6.13 -24.49
N TYR A 198 -25.03 -5.72 -25.70
CA TYR A 198 -24.01 -4.69 -25.93
C TYR A 198 -24.33 -3.35 -25.26
N TYR A 199 -25.60 -3.10 -24.96
CA TYR A 199 -26.01 -1.85 -24.30
C TYR A 199 -26.09 -1.96 -22.78
N LYS A 200 -26.16 -3.19 -22.26
CA LYS A 200 -26.22 -3.41 -20.81
C LYS A 200 -24.91 -3.00 -20.17
N LYS A 201 -25.01 -2.44 -18.97
CA LYS A 201 -23.86 -1.90 -18.28
C LYS A 201 -23.55 -2.67 -17.01
N THR A 202 -22.34 -2.45 -16.51
CA THR A 202 -21.94 -2.93 -15.19
C THR A 202 -22.71 -2.13 -14.15
N THR A 203 -22.74 -2.60 -12.91
CA THR A 203 -23.42 -1.86 -11.84
C THR A 203 -22.82 -0.48 -11.62
N ASN A 204 -21.51 -0.35 -11.88
CA ASN A 204 -20.82 0.94 -11.82
C ASN A 204 -21.18 1.90 -12.98
N GLY A 205 -21.91 1.41 -13.98
CA GLY A 205 -22.38 2.24 -15.10
C GLY A 205 -21.45 2.30 -16.31
N ARG A 206 -20.48 1.40 -16.40
CA ARG A 206 -19.58 1.32 -17.55
C ARG A 206 -19.96 0.15 -18.48
N LEU A 207 -19.54 0.23 -19.73
CA LEU A 207 -19.97 -0.70 -20.77
C LEU A 207 -18.89 -1.75 -21.03
N PRO A 208 -19.17 -3.04 -20.76
CA PRO A 208 -18.19 -4.14 -20.96
C PRO A 208 -17.60 -4.26 -22.39
N VAL A 209 -18.32 -3.76 -23.39
CA VAL A 209 -17.79 -3.76 -24.76
C VAL A 209 -16.46 -3.02 -24.89
N LYS A 210 -16.20 -2.08 -23.98
CA LYS A 210 -14.97 -1.32 -23.98
C LYS A 210 -13.71 -2.12 -23.59
N TRP A 211 -13.88 -3.37 -23.16
CA TRP A 211 -12.75 -4.27 -22.90
C TRP A 211 -12.56 -5.31 -24.01
N MET A 212 -13.47 -5.35 -24.98
CA MET A 212 -13.46 -6.43 -25.98
C MET A 212 -12.63 -6.12 -27.20
N ALA A 213 -11.87 -7.13 -27.66
CA ALA A 213 -11.14 -7.02 -28.90
C ALA A 213 -12.13 -6.83 -30.05
N PRO A 214 -11.71 -6.12 -31.12
CA PRO A 214 -12.62 -5.93 -32.27
C PRO A 214 -13.18 -7.23 -32.85
N GLU A 215 -12.35 -8.25 -32.97
CA GLU A 215 -12.81 -9.54 -33.48
C GLU A 215 -13.86 -10.23 -32.57
N ALA A 216 -13.78 -10.02 -31.26
CA ALA A 216 -14.76 -10.54 -30.33
C ALA A 216 -16.05 -9.71 -30.41
N LEU A 217 -15.86 -8.41 -30.50
CA LEU A 217 -16.95 -7.46 -30.55
C LEU A 217 -17.73 -7.56 -31.87
N PHE A 218 -17.03 -7.53 -33.00
CA PHE A 218 -17.70 -7.52 -34.31
C PHE A 218 -18.09 -8.92 -34.81
N ASP A 219 -17.19 -9.88 -34.68
CA ASP A 219 -17.40 -11.23 -35.22
C ASP A 219 -17.60 -12.29 -34.15
N ARG A 220 -17.69 -11.88 -32.89
CA ARG A 220 -17.80 -12.81 -31.75
C ARG A 220 -16.82 -13.99 -31.75
N ILE A 221 -15.58 -13.73 -32.10
CA ILE A 221 -14.52 -14.72 -31.98
C ILE A 221 -13.69 -14.45 -30.72
N TYR A 222 -13.80 -15.35 -29.75
CA TYR A 222 -13.09 -15.24 -28.49
C TYR A 222 -11.89 -16.17 -28.46
N THR A 223 -10.72 -15.60 -28.16
CA THR A 223 -9.46 -16.33 -28.18
C THR A 223 -8.59 -15.92 -27.01
N HIS A 224 -7.48 -16.63 -26.79
CA HIS A 224 -6.47 -16.12 -25.86
C HIS A 224 -6.01 -14.72 -26.31
N GLN A 225 -5.98 -14.50 -27.62
CA GLN A 225 -5.55 -13.24 -28.19
C GLN A 225 -6.52 -12.13 -27.88
N SER A 226 -7.82 -12.43 -27.84
CA SER A 226 -8.78 -11.40 -27.43
C SER A 226 -8.67 -11.08 -25.93
N ASP A 227 -8.32 -12.07 -25.12
CA ASP A 227 -8.07 -11.83 -23.69
C ASP A 227 -6.85 -10.91 -23.52
N VAL A 228 -5.85 -11.03 -24.39
CA VAL A 228 -4.68 -10.16 -24.31
C VAL A 228 -5.07 -8.71 -24.61
N TRP A 229 -5.95 -8.49 -25.58
CA TRP A 229 -6.53 -7.16 -25.82
C TRP A 229 -7.14 -6.62 -24.52
N SER A 230 -8.01 -7.40 -23.90
CA SER A 230 -8.59 -6.99 -22.62
C SER A 230 -7.55 -6.67 -21.54
N PHE A 231 -6.47 -7.46 -21.49
CA PHE A 231 -5.39 -7.19 -20.55
C PHE A 231 -4.72 -5.83 -20.81
N GLY A 232 -4.59 -5.46 -22.08
CA GLY A 232 -4.18 -4.13 -22.45
C GLY A 232 -5.04 -3.03 -21.84
N VAL A 233 -6.36 -3.20 -21.92
CA VAL A 233 -7.29 -2.23 -21.33
C VAL A 233 -7.15 -2.23 -19.80
N LEU A 234 -6.96 -3.40 -19.23
CA LEU A 234 -6.75 -3.54 -17.80
C LEU A 234 -5.48 -2.82 -17.36
N LEU A 235 -4.39 -2.94 -18.14
CA LEU A 235 -3.17 -2.17 -17.87
C LEU A 235 -3.45 -0.68 -17.86
N TRP A 236 -4.20 -0.22 -18.84
CA TRP A 236 -4.63 1.17 -18.89
C TRP A 236 -5.43 1.57 -17.64
N GLU A 237 -6.32 0.69 -17.17
CA GLU A 237 -7.08 0.93 -15.94
C GLU A 237 -6.15 1.08 -14.75
N ILE A 238 -5.13 0.25 -14.68
CA ILE A 238 -4.17 0.26 -13.58
C ILE A 238 -3.38 1.56 -13.55
N PHE A 239 -2.86 1.99 -14.69
CA PHE A 239 -1.99 3.14 -14.68
C PHE A 239 -2.75 4.48 -14.69
N THR A 240 -4.07 4.44 -14.84
CA THR A 240 -4.92 5.61 -14.58
C THR A 240 -5.54 5.54 -13.19
N LEU A 241 -5.08 4.59 -12.36
CA LEU A 241 -5.64 4.34 -11.04
C LEU A 241 -7.15 4.15 -11.05
N GLY A 242 -7.62 3.28 -11.94
CA GLY A 242 -9.04 2.96 -12.01
C GLY A 242 -9.85 3.84 -12.94
N GLY A 243 -9.21 4.39 -13.97
CA GLY A 243 -9.91 5.27 -14.92
C GLY A 243 -10.96 4.53 -15.75
N SER A 244 -11.95 5.27 -16.25
CA SER A 244 -12.98 4.70 -17.11
C SER A 244 -12.54 4.76 -18.58
N PRO A 245 -12.41 3.60 -19.26
CA PRO A 245 -12.01 3.68 -20.68
C PRO A 245 -13.04 4.37 -21.60
N TYR A 246 -12.57 5.13 -22.59
CA TYR A 246 -13.44 5.83 -23.54
C TYR A 246 -14.63 6.53 -22.84
N PRO A 247 -14.36 7.44 -21.90
CA PRO A 247 -15.46 7.98 -21.09
C PRO A 247 -16.41 8.81 -21.93
N GLY A 248 -17.70 8.63 -21.71
CA GLY A 248 -18.74 9.31 -22.49
C GLY A 248 -19.07 8.74 -23.86
N VAL A 249 -18.33 7.71 -24.30
CA VAL A 249 -18.50 7.16 -25.65
C VAL A 249 -19.57 6.08 -25.62
N PRO A 250 -20.63 6.23 -26.43
CA PRO A 250 -21.63 5.16 -26.51
C PRO A 250 -21.21 4.05 -27.48
N VAL A 251 -21.94 2.93 -27.42
CA VAL A 251 -21.64 1.72 -28.21
C VAL A 251 -21.36 2.01 -29.70
N GLU A 252 -22.27 2.75 -30.34
CA GLU A 252 -22.17 3.00 -31.77
C GLU A 252 -20.91 3.78 -32.10
N GLU A 253 -20.55 4.75 -31.25
CA GLU A 253 -19.36 5.54 -31.48
C GLU A 253 -18.11 4.73 -31.16
N LEU A 254 -18.20 3.80 -30.23
CA LEU A 254 -17.07 2.92 -29.95
C LEU A 254 -16.75 2.10 -31.18
N PHE A 255 -17.79 1.56 -31.82
CA PHE A 255 -17.62 0.75 -33.04
C PHE A 255 -16.89 1.54 -34.11
N LYS A 256 -17.34 2.78 -34.33
CA LYS A 256 -16.69 3.66 -35.30
C LYS A 256 -15.23 3.98 -34.90
N LEU A 257 -14.97 4.20 -33.62
CA LEU A 257 -13.59 4.45 -33.18
C LEU A 257 -12.70 3.24 -33.51
N LEU A 258 -13.18 2.04 -33.21
CA LEU A 258 -12.38 0.84 -33.43
C LEU A 258 -12.18 0.53 -34.92
N LYS A 259 -13.19 0.76 -35.75
CA LYS A 259 -13.04 0.56 -37.20
C LYS A 259 -12.00 1.52 -37.78
N GLU A 260 -11.86 2.71 -37.19
CA GLU A 260 -10.90 3.70 -37.64
C GLU A 260 -9.49 3.47 -37.07
N GLY A 261 -9.36 2.50 -36.17
CA GLY A 261 -8.07 2.17 -35.57
C GLY A 261 -7.70 3.10 -34.43
N HIS A 262 -8.68 3.68 -33.75
CA HIS A 262 -8.41 4.54 -32.60
C HIS A 262 -7.82 3.71 -31.47
N ARG A 263 -6.95 4.32 -30.68
CA ARG A 263 -6.40 3.68 -29.47
C ARG A 263 -6.34 4.72 -28.34
N MET A 264 -6.54 4.28 -27.11
CA MET A 264 -6.57 5.22 -25.99
C MET A 264 -5.22 5.89 -25.81
N ASP A 265 -5.25 7.14 -25.36
CA ASP A 265 -4.04 7.93 -25.09
C ASP A 265 -3.27 7.35 -23.92
N LYS A 266 -1.96 7.61 -23.93
CA LYS A 266 -1.07 7.17 -22.86
C LYS A 266 -1.40 7.85 -21.55
N PRO A 267 -1.60 7.09 -20.46
CA PRO A 267 -1.86 7.73 -19.15
C PRO A 267 -0.68 8.58 -18.67
N SER A 268 -0.97 9.56 -17.82
CA SER A 268 0.07 10.45 -17.30
C SER A 268 1.16 9.71 -16.50
N ASN A 269 0.74 8.85 -15.59
CA ASN A 269 1.70 8.18 -14.71
C ASN A 269 2.07 6.82 -15.26
N CYS A 270 2.89 6.84 -16.30
CA CYS A 270 3.16 5.64 -17.07
C CYS A 270 4.32 5.86 -18.04
N THR A 271 5.20 4.86 -18.13
CA THR A 271 6.38 4.97 -18.98
C THR A 271 6.05 4.67 -20.43
N ASN A 272 6.95 5.06 -21.32
CA ASN A 272 6.75 4.78 -22.73
C ASN A 272 6.74 3.27 -22.99
N GLU A 273 7.55 2.53 -22.24
CA GLU A 273 7.65 1.08 -22.37
C GLU A 273 6.34 0.36 -22.00
N LEU A 274 5.72 0.79 -20.92
CA LEU A 274 4.44 0.22 -20.51
C LEU A 274 3.32 0.62 -21.46
N TYR A 275 3.38 1.83 -22.00
CA TYR A 275 2.39 2.24 -23.00
C TYR A 275 2.57 1.44 -24.29
N MET A 276 3.81 1.19 -24.70
CA MET A 276 4.05 0.36 -25.88
C MET A 276 3.53 -1.07 -25.65
N MET A 277 3.65 -1.57 -24.42
CA MET A 277 3.05 -2.85 -24.05
C MET A 277 1.52 -2.83 -24.24
N MET A 278 0.88 -1.76 -23.77
CA MET A 278 -0.57 -1.60 -24.00
C MET A 278 -0.89 -1.60 -25.48
N ARG A 279 -0.17 -0.81 -26.25
CA ARG A 279 -0.41 -0.75 -27.70
C ARG A 279 -0.17 -2.09 -28.40
N ASP A 280 0.83 -2.86 -27.94
CA ASP A 280 1.11 -4.19 -28.49
C ASP A 280 -0.06 -5.15 -28.19
N CYS A 281 -0.63 -5.05 -26.99
CA CYS A 281 -1.85 -5.79 -26.64
C CYS A 281 -3.03 -5.44 -27.53
N TRP A 282 -3.09 -4.20 -28.00
CA TRP A 282 -4.13 -3.76 -28.93
C TRP A 282 -3.72 -3.81 -30.40
N HIS A 283 -2.77 -4.68 -30.75
CA HIS A 283 -2.45 -4.88 -32.17
C HIS A 283 -3.73 -5.25 -32.96
N ALA A 284 -3.88 -4.66 -34.14
CA ALA A 284 -5.04 -4.94 -34.99
C ALA A 284 -5.08 -6.40 -35.44
N VAL A 285 -3.91 -6.99 -35.69
CA VAL A 285 -3.81 -8.39 -36.08
C VAL A 285 -3.58 -9.26 -34.82
N PRO A 286 -4.53 -10.15 -34.49
CA PRO A 286 -4.46 -10.91 -33.23
C PRO A 286 -3.17 -11.73 -33.03
N SER A 287 -2.67 -12.34 -34.10
CA SER A 287 -1.43 -13.14 -34.09
C SER A 287 -0.20 -12.33 -33.70
N GLN A 288 -0.27 -11.01 -33.86
CA GLN A 288 0.87 -10.16 -33.56
C GLN A 288 0.91 -9.62 -32.13
N ARG A 289 -0.16 -9.85 -31.36
CA ARG A 289 -0.17 -9.46 -29.96
C ARG A 289 0.78 -10.36 -29.17
N PRO A 290 1.35 -9.85 -28.08
CA PRO A 290 2.09 -10.74 -27.23
C PRO A 290 1.19 -11.78 -26.55
N THR A 291 1.81 -12.86 -26.13
CA THR A 291 1.19 -13.93 -25.38
C THR A 291 1.27 -13.56 -23.90
N PHE A 292 0.42 -14.15 -23.05
CA PHE A 292 0.57 -13.90 -21.60
C PHE A 292 1.94 -14.33 -21.06
N LYS A 293 2.45 -15.44 -21.57
CA LYS A 293 3.82 -15.87 -21.26
C LYS A 293 4.87 -14.77 -21.49
N GLN A 294 4.80 -14.13 -22.66
CA GLN A 294 5.74 -13.06 -22.98
C GLN A 294 5.47 -11.86 -22.07
N LEU A 295 4.20 -11.54 -21.82
CA LEU A 295 3.86 -10.43 -20.95
C LEU A 295 4.39 -10.62 -19.53
N VAL A 296 4.29 -11.84 -19.01
CA VAL A 296 4.83 -12.14 -17.69
C VAL A 296 6.33 -11.89 -17.67
N GLU A 297 7.02 -12.37 -18.69
CA GLU A 297 8.46 -12.18 -18.84
C GLU A 297 8.85 -10.70 -18.90
N ASP A 298 8.15 -9.92 -19.70
CA ASP A 298 8.47 -8.50 -19.84
C ASP A 298 8.16 -7.73 -18.56
N LEU A 299 7.02 -8.04 -17.93
CA LEU A 299 6.65 -7.40 -16.68
C LEU A 299 7.61 -7.73 -15.54
N ASP A 300 8.10 -8.96 -15.50
CA ASP A 300 9.08 -9.36 -14.48
C ASP A 300 10.34 -8.50 -14.57
N ARG A 301 10.84 -8.30 -15.79
CA ARG A 301 12.01 -7.45 -16.01
C ARG A 301 11.74 -6.01 -15.60
N ILE A 302 10.55 -5.51 -15.94
CA ILE A 302 10.18 -4.14 -15.63
C ILE A 302 10.01 -3.92 -14.12
N VAL A 303 9.31 -4.84 -13.43
CA VAL A 303 9.19 -4.78 -11.96
C VAL A 303 10.57 -4.56 -11.34
N ALA A 304 11.49 -5.46 -11.64
CA ALA A 304 12.86 -5.40 -11.11
C ALA A 304 13.57 -4.06 -11.38
N LEU A 305 13.35 -3.48 -12.56
CA LEU A 305 13.98 -2.20 -12.95
C LEU A 305 13.21 -0.94 -12.54
N THR A 306 12.00 -1.08 -11.99
CA THR A 306 11.20 0.11 -11.64
C THR A 306 11.37 0.47 -10.18
N SER A 307 11.46 1.77 -9.91
CA SER A 307 11.70 2.27 -8.56
C SER A 307 10.42 2.21 -7.74
N ASN A 308 10.57 1.79 -6.48
CA ASN A 308 9.50 1.91 -5.50
C ASN A 308 9.65 3.26 -4.79
N GLN A 309 10.24 4.22 -5.50
CA GLN A 309 10.85 5.43 -4.92
C GLN A 309 12.13 5.07 -4.19
N GLU A 310 11.98 4.22 -3.17
CA GLU A 310 13.07 3.87 -2.26
C GLU A 310 12.61 2.80 -1.27
N ALA B 3 -18.12 -0.71 20.62
CA ALA B 3 -18.30 0.67 20.06
C ALA B 3 -17.47 1.69 20.84
N GLY B 4 -16.15 1.74 20.64
CA GLY B 4 -15.42 0.86 19.71
C GLY B 4 -14.92 -0.42 20.36
N VAL B 5 -13.86 -1.00 19.78
CA VAL B 5 -13.34 -2.29 20.24
C VAL B 5 -12.53 -2.16 21.53
N SER B 6 -11.56 -1.24 21.53
CA SER B 6 -10.64 -1.09 22.66
C SER B 6 -11.16 -0.13 23.76
N GLU B 7 -12.47 -0.13 23.93
CA GLU B 7 -13.14 0.70 24.93
C GLU B 7 -12.82 0.22 26.34
N TYR B 8 -12.89 -1.09 26.56
CA TYR B 8 -12.64 -1.69 27.89
C TYR B 8 -11.33 -2.45 28.01
N GLU B 9 -10.87 -3.08 26.94
CA GLU B 9 -9.56 -3.73 26.98
C GLU B 9 -8.89 -3.70 25.62
N LEU B 10 -7.57 -3.51 25.60
CA LEU B 10 -6.78 -3.60 24.37
C LEU B 10 -6.34 -5.04 24.11
N PRO B 11 -6.07 -5.39 22.84
CA PRO B 11 -5.53 -6.72 22.55
C PRO B 11 -4.17 -6.90 23.22
N GLU B 12 -3.85 -8.12 23.60
CA GLU B 12 -2.55 -8.45 24.18
C GLU B 12 -1.53 -8.76 23.11
N ASP B 13 -0.26 -8.54 23.44
CA ASP B 13 0.87 -8.98 22.63
C ASP B 13 2.01 -9.30 23.57
N PRO B 14 2.13 -10.57 24.00
CA PRO B 14 3.12 -11.02 25.00
C PRO B 14 4.56 -10.72 24.61
N ARG B 15 4.83 -10.59 23.33
CA ARG B 15 6.18 -10.32 22.83
C ARG B 15 6.69 -8.95 23.27
N TRP B 16 5.76 -8.02 23.53
CA TRP B 16 6.15 -6.64 23.88
C TRP B 16 5.69 -6.18 25.26
N GLU B 17 4.79 -6.93 25.91
CA GLU B 17 4.19 -6.48 27.17
C GLU B 17 5.22 -6.40 28.28
N LEU B 18 5.24 -5.28 29.01
CA LEU B 18 6.06 -5.12 30.22
C LEU B 18 5.10 -4.94 31.39
N PRO B 19 5.35 -5.65 32.51
CA PRO B 19 4.58 -5.40 33.74
C PRO B 19 4.70 -3.97 34.25
N ARG B 20 3.60 -3.39 34.71
CA ARG B 20 3.54 -1.99 35.15
C ARG B 20 4.40 -1.68 36.35
N ASP B 21 4.59 -2.65 37.23
CA ASP B 21 5.44 -2.46 38.41
C ASP B 21 6.92 -2.37 38.03
N ARG B 22 7.27 -2.82 36.83
CA ARG B 22 8.63 -2.67 36.31
C ARG B 22 8.87 -1.34 35.59
N LEU B 23 7.89 -0.44 35.62
CA LEU B 23 8.02 0.87 35.00
C LEU B 23 7.71 1.92 36.04
N VAL B 24 8.60 2.89 36.21
CA VAL B 24 8.33 4.00 37.11
C VAL B 24 8.44 5.29 36.32
N LEU B 25 7.32 6.00 36.21
CA LEU B 25 7.25 7.22 35.41
C LEU B 25 7.98 8.36 36.09
N GLY B 26 8.54 9.27 35.29
CA GLY B 26 9.30 10.41 35.78
C GLY B 26 8.79 11.69 35.16
N LYS B 27 9.69 12.65 34.93
CA LYS B 27 9.28 13.97 34.45
C LYS B 27 8.87 13.98 32.98
N PRO B 28 8.04 14.95 32.58
CA PRO B 28 7.68 15.08 31.17
C PRO B 28 8.87 15.44 30.28
N LEU B 29 8.89 14.90 29.07
CA LEU B 29 9.83 15.30 28.04
C LEU B 29 9.15 16.13 26.93
N GLY B 30 7.85 15.93 26.74
CA GLY B 30 7.13 16.61 25.67
C GLY B 30 5.62 16.45 25.72
N GLU B 31 4.93 17.42 25.11
CA GLU B 31 3.48 17.52 25.14
C GLU B 31 3.04 17.90 23.72
N GLY B 32 1.88 17.42 23.27
CA GLY B 32 1.42 17.75 21.92
C GLY B 32 -0.05 17.58 21.64
N ALA B 33 -0.91 17.86 22.63
CA ALA B 33 -2.38 17.75 22.48
C ALA B 33 -2.85 16.32 22.19
N PHE B 34 -2.37 15.76 21.08
CA PHE B 34 -2.58 14.34 20.74
C PHE B 34 -1.94 13.35 21.75
N GLY B 35 -0.97 13.82 22.54
CA GLY B 35 -0.34 12.94 23.53
C GLY B 35 0.71 13.58 24.41
N GLN B 36 1.37 12.73 25.19
CA GLN B 36 2.38 13.12 26.17
C GLN B 36 3.56 12.15 26.10
N VAL B 37 4.77 12.67 26.33
CA VAL B 37 5.97 11.84 26.42
C VAL B 37 6.66 12.11 27.77
N VAL B 38 6.94 11.06 28.52
CA VAL B 38 7.60 11.20 29.82
C VAL B 38 8.82 10.30 29.95
N LEU B 39 9.80 10.78 30.69
CA LEU B 39 10.97 9.98 31.04
C LEU B 39 10.51 8.93 32.04
N ALA B 40 11.02 7.71 31.89
CA ALA B 40 10.74 6.64 32.84
C ALA B 40 11.95 5.74 33.04
N GLU B 41 11.88 4.90 34.06
CA GLU B 41 12.88 3.89 34.34
C GLU B 41 12.22 2.55 34.26
N ALA B 42 12.75 1.69 33.39
CA ALA B 42 12.19 0.37 33.16
C ALA B 42 13.16 -0.69 33.68
N ILE B 43 12.65 -1.62 34.47
CA ILE B 43 13.46 -2.66 35.08
C ILE B 43 13.31 -3.95 34.30
N GLY B 44 14.42 -4.49 33.81
CA GLY B 44 14.41 -5.78 33.13
C GLY B 44 13.67 -5.81 31.82
N LEU B 45 13.99 -4.88 30.92
CA LEU B 45 13.42 -4.85 29.55
C LEU B 45 13.76 -6.14 28.80
N ASP B 46 15.01 -6.57 28.93
CA ASP B 46 15.45 -7.83 28.36
C ASP B 46 15.70 -8.82 29.51
N LYS B 47 15.12 -10.01 29.39
CA LYS B 47 15.12 -10.99 30.48
C LYS B 47 16.51 -11.53 30.83
N ASP B 48 17.47 -11.33 29.92
CA ASP B 48 18.87 -11.62 30.20
C ASP B 48 19.32 -10.96 31.50
N LYS B 49 18.99 -9.67 31.63
CA LYS B 49 19.40 -8.89 32.80
C LYS B 49 18.20 -8.26 33.50
N PRO B 50 17.48 -9.05 34.33
CA PRO B 50 16.20 -8.65 34.91
C PRO B 50 16.28 -7.58 36.00
N ASN B 51 17.46 -7.29 36.51
CA ASN B 51 17.64 -6.28 37.55
C ASN B 51 17.98 -4.90 37.03
N ARG B 52 18.53 -4.83 35.82
CA ARG B 52 19.07 -3.57 35.33
C ARG B 52 17.99 -2.58 34.92
N VAL B 53 18.21 -1.31 35.23
CA VAL B 53 17.27 -0.25 34.87
C VAL B 53 17.73 0.44 33.59
N THR B 54 16.80 0.74 32.71
CA THR B 54 17.10 1.52 31.51
C THR B 54 16.23 2.78 31.53
N LYS B 55 16.86 3.92 31.31
CA LYS B 55 16.11 5.15 31.05
C LYS B 55 15.40 4.99 29.71
N VAL B 56 14.10 5.22 29.72
CA VAL B 56 13.28 5.11 28.51
C VAL B 56 12.32 6.27 28.44
N ALA B 57 11.77 6.49 27.25
CA ALA B 57 10.70 7.47 27.07
C ALA B 57 9.38 6.71 26.95
N VAL B 58 8.32 7.26 27.52
CA VAL B 58 7.03 6.61 27.48
C VAL B 58 6.02 7.54 26.81
N LYS B 59 5.37 7.05 25.76
CA LYS B 59 4.30 7.79 25.09
C LYS B 59 2.96 7.31 25.65
N MET B 60 2.10 8.27 25.96
CA MET B 60 0.79 7.95 26.53
C MET B 60 -0.21 9.04 26.13
N LEU B 61 -1.49 8.73 26.30
CA LEU B 61 -2.55 9.71 26.09
C LEU B 61 -2.62 10.71 27.23
N LYS B 62 -3.11 11.90 26.93
CA LYS B 62 -3.48 12.87 27.96
C LYS B 62 -4.87 12.53 28.50
N SER B 63 -5.21 13.09 29.65
CA SER B 63 -6.48 12.78 30.32
C SER B 63 -7.68 13.20 29.49
N ASP B 64 -7.49 14.18 28.60
CA ASP B 64 -8.61 14.65 27.77
C ASP B 64 -8.72 13.95 26.41
N ALA B 65 -7.94 12.89 26.20
CA ALA B 65 -7.91 12.20 24.91
C ALA B 65 -9.19 11.47 24.61
N THR B 66 -9.46 11.28 23.32
CA THR B 66 -10.64 10.55 22.84
C THR B 66 -10.28 9.15 22.37
N GLU B 67 -11.32 8.39 22.04
CA GLU B 67 -11.22 7.11 21.35
C GLU B 67 -10.29 7.21 20.14
N LYS B 68 -10.46 8.26 19.33
CA LYS B 68 -9.68 8.42 18.12
C LYS B 68 -8.20 8.56 18.46
N ASP B 69 -7.90 9.32 19.51
CA ASP B 69 -6.51 9.51 19.93
C ASP B 69 -5.89 8.19 20.37
N LEU B 70 -6.68 7.33 21.02
CA LEU B 70 -6.20 6.01 21.44
C LEU B 70 -5.86 5.15 20.24
N SER B 71 -6.80 5.03 19.29
CA SER B 71 -6.55 4.23 18.09
C SER B 71 -5.30 4.72 17.30
N ASP B 72 -5.04 6.02 17.30
CA ASP B 72 -3.84 6.59 16.65
C ASP B 72 -2.53 6.17 17.34
N LEU B 73 -2.51 6.24 18.67
CA LEU B 73 -1.35 5.80 19.44
C LEU B 73 -1.12 4.30 19.26
N ILE B 74 -2.21 3.52 19.26
CA ILE B 74 -2.13 2.09 18.97
C ILE B 74 -1.58 1.82 17.58
N SER B 75 -2.07 2.55 16.59
CA SER B 75 -1.60 2.42 15.21
C SER B 75 -0.11 2.72 15.10
N GLU B 76 0.36 3.74 15.82
CA GLU B 76 1.79 4.05 15.87
C GLU B 76 2.59 2.92 16.46
N MET B 77 2.11 2.35 17.58
CA MET B 77 2.76 1.20 18.21
C MET B 77 2.87 0.03 17.22
N GLU B 78 1.77 -0.27 16.54
CA GLU B 78 1.75 -1.38 15.60
C GLU B 78 2.69 -1.15 14.41
N MET B 79 2.73 0.08 13.90
CA MET B 79 3.66 0.44 12.82
CA MET B 79 3.66 0.46 12.83
C MET B 79 5.10 0.22 13.24
N MET B 80 5.46 0.65 14.45
CA MET B 80 6.81 0.47 14.95
C MET B 80 7.20 -1.01 14.98
N LYS B 81 6.28 -1.89 15.40
CA LYS B 81 6.51 -3.35 15.36
C LYS B 81 6.83 -3.83 13.95
N MET B 82 6.03 -3.40 12.97
CA MET B 82 6.19 -3.87 11.60
C MET B 82 7.50 -3.37 10.99
N ILE B 83 7.89 -2.13 11.32
CA ILE B 83 9.07 -1.50 10.75
C ILE B 83 10.37 -2.14 11.24
N GLY B 84 10.41 -2.55 12.51
CA GLY B 84 11.59 -3.21 13.07
C GLY B 84 12.67 -2.24 13.47
N LYS B 85 13.83 -2.78 13.85
CA LYS B 85 14.89 -1.99 14.50
C LYS B 85 15.94 -1.40 13.56
N HIS B 86 16.41 -0.20 13.89
CA HIS B 86 17.57 0.40 13.22
C HIS B 86 18.22 1.40 14.17
N LYS B 87 19.56 1.46 14.14
CA LYS B 87 20.34 2.33 15.03
C LYS B 87 19.94 3.81 14.96
N ASN B 88 19.51 4.24 13.79
CA ASN B 88 19.22 5.64 13.50
C ASN B 88 17.73 5.97 13.48
N ILE B 89 16.91 5.14 14.13
CA ILE B 89 15.53 5.52 14.41
C ILE B 89 15.24 5.30 15.89
N ILE B 90 14.21 5.98 16.39
CA ILE B 90 13.71 5.73 17.74
C ILE B 90 12.97 4.38 17.72
N ASN B 91 13.46 3.41 18.50
CA ASN B 91 12.93 2.05 18.46
C ASN B 91 11.91 1.76 19.57
N LEU B 92 10.96 0.90 19.25
CA LEU B 92 10.02 0.39 20.24
C LEU B 92 10.72 -0.58 21.19
N LEU B 93 10.56 -0.37 22.49
CA LEU B 93 11.16 -1.21 23.51
C LEU B 93 10.16 -2.09 24.25
N GLY B 94 8.91 -1.67 24.33
CA GLY B 94 7.90 -2.44 25.04
C GLY B 94 6.61 -1.66 25.13
N ALA B 95 5.63 -2.24 25.81
CA ALA B 95 4.36 -1.58 26.02
C ALA B 95 3.65 -2.14 27.24
N CYS B 96 2.92 -1.27 27.92
CA CYS B 96 1.90 -1.68 28.89
C CYS B 96 0.55 -1.39 28.26
N THR B 97 -0.16 -2.45 27.86
CA THR B 97 -1.45 -2.32 27.19
C THR B 97 -2.62 -2.80 28.08
N GLN B 98 -2.32 -3.56 29.11
CA GLN B 98 -3.34 -4.24 29.91
C GLN B 98 -3.59 -3.54 31.25
N ASP B 99 -4.86 -3.53 31.67
CA ASP B 99 -5.26 -3.05 33.00
C ASP B 99 -4.74 -1.67 33.34
N GLY B 100 -5.06 -0.69 32.50
CA GLY B 100 -4.60 0.67 32.72
C GLY B 100 -4.26 1.37 31.43
N PRO B 101 -3.84 2.63 31.54
CA PRO B 101 -3.58 3.45 30.37
C PRO B 101 -2.50 2.85 29.48
N LEU B 102 -2.63 3.05 28.18
CA LEU B 102 -1.66 2.52 27.24
C LEU B 102 -0.36 3.28 27.37
N TYR B 103 0.72 2.55 27.61
CA TYR B 103 2.05 3.12 27.63
C TYR B 103 2.86 2.49 26.50
N VAL B 104 3.37 3.31 25.60
CA VAL B 104 4.22 2.83 24.51
C VAL B 104 5.65 3.21 24.83
N ILE B 105 6.48 2.21 25.12
CA ILE B 105 7.82 2.48 25.65
C ILE B 105 8.83 2.46 24.49
N VAL B 106 9.54 3.57 24.35
CA VAL B 106 10.48 3.75 23.25
C VAL B 106 11.80 4.30 23.78
N GLU B 107 12.79 4.43 22.88
CA GLU B 107 14.12 4.88 23.27
C GLU B 107 14.16 6.32 23.74
N TYR B 108 14.97 6.54 24.77
CA TYR B 108 15.22 7.86 25.33
C TYR B 108 16.50 8.44 24.72
N ALA B 109 16.41 9.68 24.25
CA ALA B 109 17.55 10.41 23.71
C ALA B 109 17.86 11.53 24.66
N SER B 110 18.94 11.36 25.44
CA SER B 110 19.24 12.28 26.55
C SER B 110 19.61 13.69 26.12
N LYS B 111 20.05 13.87 24.88
CA LYS B 111 20.47 15.19 24.42
C LYS B 111 19.42 15.95 23.60
N GLY B 112 18.20 15.43 23.56
CA GLY B 112 17.07 16.15 22.97
C GLY B 112 17.13 16.23 21.46
N ASN B 113 16.34 17.14 20.89
CA ASN B 113 16.19 17.18 19.43
C ASN B 113 17.36 17.87 18.74
N LEU B 114 17.53 17.61 17.46
CA LEU B 114 18.70 18.08 16.71
C LEU B 114 18.78 19.60 16.56
N ARG B 115 17.63 20.28 16.48
CA ARG B 115 17.63 21.74 16.35
C ARG B 115 18.29 22.37 17.60
N GLU B 116 17.80 21.98 18.77
CA GLU B 116 18.31 22.51 20.04
C GLU B 116 19.76 22.11 20.29
N TYR B 117 20.11 20.89 19.90
CA TYR B 117 21.48 20.38 19.98
C TYR B 117 22.46 21.23 19.17
N LEU B 118 22.11 21.50 17.91
CA LEU B 118 22.93 22.36 17.06
C LEU B 118 23.00 23.80 17.56
N GLN B 119 21.86 24.34 17.99
CA GLN B 119 21.81 25.72 18.48
C GLN B 119 22.70 25.92 19.71
N ALA B 120 22.69 24.94 20.60
CA ALA B 120 23.47 24.99 21.83
C ALA B 120 24.98 24.83 21.61
N ARG B 121 25.39 24.48 20.40
CA ARG B 121 26.79 24.24 20.10
C ARG B 121 27.31 25.18 19.02
N ARG B 122 26.67 26.34 18.88
CA ARG B 122 27.19 27.38 18.00
C ARG B 122 28.46 28.03 18.59
N PRO B 123 29.53 28.17 17.78
CA PRO B 123 30.71 28.94 18.19
C PRO B 123 30.37 30.27 18.84
N PRO B 136 27.27 26.68 27.70
CA PRO B 136 27.54 25.72 26.64
C PRO B 136 28.76 26.14 25.83
N GLU B 137 29.85 25.37 25.91
CA GLU B 137 31.15 25.81 25.37
C GLU B 137 32.02 24.70 24.74
N GLU B 138 31.38 23.77 24.02
CA GLU B 138 32.10 22.81 23.16
C GLU B 138 31.25 22.50 21.93
N GLN B 139 31.89 22.46 20.76
CA GLN B 139 31.19 22.53 19.49
C GLN B 139 31.47 21.33 18.58
N LEU B 140 31.00 21.43 17.33
CA LEU B 140 31.14 20.38 16.33
C LEU B 140 31.97 20.90 15.17
N SER B 141 32.87 20.07 14.65
CA SER B 141 33.73 20.49 13.56
C SER B 141 33.50 19.65 12.31
N SER B 142 32.76 20.24 11.37
CA SER B 142 32.83 19.89 9.96
C SER B 142 32.54 18.44 9.57
N LYS B 143 33.35 17.50 10.07
CA LYS B 143 33.11 16.08 9.83
C LYS B 143 31.87 15.64 10.60
N ASP B 144 31.78 16.08 11.86
CA ASP B 144 30.62 15.88 12.72
C ASP B 144 29.31 16.25 12.03
N LEU B 145 29.30 17.40 11.35
CA LEU B 145 28.09 17.89 10.70
C LEU B 145 27.70 17.03 9.51
N VAL B 146 28.69 16.55 8.76
CA VAL B 146 28.40 15.73 7.61
C VAL B 146 27.92 14.35 8.09
N SER B 147 28.47 13.87 9.20
CA SER B 147 28.15 12.54 9.71
C SER B 147 26.74 12.55 10.29
N CYS B 148 26.42 13.61 11.01
CA CYS B 148 25.07 13.89 11.43
C CYS B 148 24.09 13.71 10.27
N ALA B 149 24.38 14.33 9.12
CA ALA B 149 23.55 14.19 7.93
C ALA B 149 23.56 12.76 7.35
N TYR B 150 24.70 12.10 7.43
CA TYR B 150 24.81 10.68 7.05
C TYR B 150 23.91 9.78 7.91
N GLN B 151 23.99 9.94 9.22
CA GLN B 151 23.14 9.17 10.13
C GLN B 151 21.65 9.33 9.85
N VAL B 152 21.19 10.58 9.66
CA VAL B 152 19.79 10.84 9.35
C VAL B 152 19.43 10.20 8.04
N ALA B 153 20.30 10.33 7.04
CA ALA B 153 20.03 9.74 5.73
C ALA B 153 19.91 8.22 5.83
N ARG B 154 20.72 7.63 6.69
CA ARG B 154 20.71 6.17 6.92
C ARG B 154 19.41 5.69 7.57
N GLY B 155 18.92 6.47 8.54
CA GLY B 155 17.66 6.16 9.19
C GLY B 155 16.55 6.23 8.17
N MET B 156 16.60 7.27 7.33
CA MET B 156 15.60 7.46 6.32
C MET B 156 15.69 6.39 5.25
N GLU B 157 16.91 6.00 4.86
CA GLU B 157 17.09 4.91 3.90
C GLU B 157 16.41 3.64 4.43
N TYR B 158 16.62 3.35 5.72
CA TYR B 158 15.96 2.19 6.34
C TYR B 158 14.47 2.35 6.26
N LEU B 159 13.95 3.50 6.71
CA LEU B 159 12.51 3.70 6.76
C LEU B 159 11.88 3.53 5.39
N ALA B 160 12.50 4.12 4.38
CA ALA B 160 12.00 3.99 3.01
C ALA B 160 12.06 2.54 2.51
N SER B 161 13.06 1.77 2.94
CA SER B 161 13.11 0.35 2.60
C SER B 161 11.91 -0.41 3.20
N LYS B 162 11.36 0.08 4.32
CA LYS B 162 10.17 -0.53 4.92
C LYS B 162 8.89 0.20 4.51
N LYS B 163 8.96 0.93 3.40
CA LYS B 163 7.80 1.63 2.84
C LYS B 163 7.21 2.70 3.76
N CYS B 164 8.01 3.21 4.71
CA CYS B 164 7.53 4.23 5.62
C CYS B 164 7.87 5.62 5.06
N ILE B 165 6.82 6.39 4.76
CA ILE B 165 6.97 7.80 4.43
C ILE B 165 6.80 8.59 5.72
N HIS B 166 7.77 9.43 6.05
CA HIS B 166 7.77 10.19 7.30
C HIS B 166 6.76 11.33 7.29
N ARG B 167 6.85 12.20 6.28
CA ARG B 167 5.97 13.37 6.08
C ARG B 167 6.30 14.64 6.90
N ASP B 168 7.02 14.51 8.01
CA ASP B 168 7.50 15.69 8.76
C ASP B 168 8.97 15.58 9.19
N LEU B 169 9.81 15.24 8.23
CA LEU B 169 11.24 15.14 8.48
C LEU B 169 11.77 16.56 8.69
N ALA B 170 12.34 16.77 9.86
CA ALA B 170 12.89 18.06 10.24
C ALA B 170 13.80 17.80 11.43
N ALA B 171 14.68 18.75 11.71
CA ALA B 171 15.59 18.60 12.84
C ALA B 171 14.87 18.48 14.18
N ARG B 172 13.69 19.09 14.28
CA ARG B 172 12.85 18.95 15.50
C ARG B 172 12.42 17.50 15.77
N ASN B 173 12.37 16.67 14.72
CA ASN B 173 12.02 15.25 14.81
C ASN B 173 13.20 14.30 14.64
N VAL B 174 14.41 14.80 14.85
CA VAL B 174 15.60 13.97 14.98
C VAL B 174 16.09 14.10 16.42
N LEU B 175 16.35 12.99 17.08
CA LEU B 175 16.77 13.04 18.47
C LEU B 175 18.20 12.55 18.60
N VAL B 176 18.90 13.04 19.62
CA VAL B 176 20.32 12.72 19.82
C VAL B 176 20.52 12.04 21.18
N THR B 177 21.19 10.89 21.14
CA THR B 177 21.41 10.08 22.34
C THR B 177 22.66 10.54 23.08
N GLU B 178 22.84 9.99 24.30
CA GLU B 178 24.06 10.16 25.09
C GLU B 178 25.32 10.20 24.23
N ASP B 179 25.43 9.25 23.30
CA ASP B 179 26.64 9.04 22.51
C ASP B 179 26.56 9.64 21.10
N ASN B 180 25.79 10.70 20.93
CA ASN B 180 25.70 11.45 19.66
C ASN B 180 25.19 10.66 18.48
N VAL B 181 24.37 9.64 18.74
CA VAL B 181 23.70 8.92 17.66
C VAL B 181 22.40 9.68 17.32
N MET B 182 22.18 9.89 16.03
CA MET B 182 20.99 10.58 15.54
C MET B 182 19.90 9.54 15.31
N LYS B 183 18.72 9.78 15.88
CA LYS B 183 17.58 8.88 15.72
C LYS B 183 16.35 9.65 15.24
N ILE B 184 15.80 9.23 14.11
CA ILE B 184 14.58 9.80 13.60
C ILE B 184 13.42 9.38 14.50
N ALA B 185 12.63 10.37 14.92
CA ALA B 185 11.45 10.15 15.76
C ALA B 185 10.16 10.37 14.99
N ASP B 186 9.08 9.80 15.52
CA ASP B 186 7.72 10.11 15.10
C ASP B 186 7.49 9.85 13.60
N PHE B 187 8.02 8.74 13.13
CA PHE B 187 7.89 8.30 11.74
C PHE B 187 6.66 7.41 11.55
N GLY B 188 6.06 6.97 12.66
CA GLY B 188 4.96 6.02 12.61
C GLY B 188 3.61 6.62 12.97
N LEU B 189 3.53 7.95 12.94
CA LEU B 189 2.28 8.66 13.23
C LEU B 189 1.26 8.40 12.13
N ALA B 190 -0.02 8.33 12.52
CA ALA B 190 -1.11 8.23 11.56
C ALA B 190 -1.24 9.53 10.76
N ARG B 191 -0.85 10.64 11.40
CA ARG B 191 -0.70 11.94 10.73
C ARG B 191 0.77 12.19 10.41
N GLY B 205 8.27 28.39 17.34
CA GLY B 205 7.14 28.96 16.60
C GLY B 205 7.37 29.03 15.09
N ARG B 206 7.74 27.90 14.49
CA ARG B 206 8.00 27.83 13.05
C ARG B 206 6.87 27.10 12.30
N LEU B 207 6.76 27.37 11.00
CA LEU B 207 5.73 26.78 10.15
C LEU B 207 6.22 25.50 9.45
N PRO B 208 5.69 24.32 9.86
CA PRO B 208 6.09 23.03 9.25
C PRO B 208 6.03 22.95 7.73
N VAL B 209 5.14 23.70 7.12
CA VAL B 209 5.03 23.76 5.68
C VAL B 209 6.36 24.18 5.00
N LYS B 210 7.26 24.80 5.75
CA LYS B 210 8.59 25.15 5.23
C LYS B 210 9.51 23.96 5.00
N TRP B 211 9.09 22.77 5.42
CA TRP B 211 9.83 21.53 5.14
C TRP B 211 9.15 20.67 4.04
N MET B 212 8.03 21.14 3.51
CA MET B 212 7.21 20.32 2.64
C MET B 212 7.54 20.51 1.16
N ALA B 213 7.68 19.41 0.44
CA ALA B 213 7.85 19.45 -1.02
C ALA B 213 6.66 20.14 -1.68
N PRO B 214 6.88 20.78 -2.84
CA PRO B 214 5.78 21.47 -3.53
C PRO B 214 4.63 20.52 -3.87
N GLU B 215 4.92 19.39 -4.51
CA GLU B 215 3.85 18.45 -4.90
C GLU B 215 3.03 17.93 -3.70
N ALA B 216 3.69 17.74 -2.55
CA ALA B 216 2.98 17.39 -1.32
C ALA B 216 2.10 18.55 -0.88
N LEU B 217 2.61 19.76 -1.07
CA LEU B 217 1.90 20.97 -0.68
C LEU B 217 0.78 21.33 -1.66
N PHE B 218 1.06 21.19 -2.95
CA PHE B 218 0.12 21.62 -4.00
C PHE B 218 -0.74 20.48 -4.58
N ASP B 219 -0.17 19.28 -4.71
CA ASP B 219 -0.85 18.14 -5.34
C ASP B 219 -1.13 16.97 -4.37
N ARG B 220 -0.80 17.14 -3.09
CA ARG B 220 -1.05 16.11 -2.05
C ARG B 220 -0.33 14.78 -2.32
N ILE B 221 0.77 14.85 -3.06
CA ILE B 221 1.55 13.67 -3.42
C ILE B 221 2.62 13.45 -2.34
N TYR B 222 2.55 12.30 -1.67
CA TYR B 222 3.53 11.91 -0.65
C TYR B 222 4.24 10.64 -1.07
N THR B 223 5.54 10.76 -1.32
CA THR B 223 6.36 9.61 -1.65
C THR B 223 7.67 9.71 -0.86
N HIS B 224 8.58 8.79 -1.11
CA HIS B 224 9.90 8.87 -0.50
C HIS B 224 10.68 10.08 -1.06
N GLN B 225 10.40 10.49 -2.29
CA GLN B 225 11.04 11.68 -2.88
C GLN B 225 10.52 13.00 -2.30
N SER B 226 9.30 13.01 -1.79
CA SER B 226 8.82 14.16 -1.05
C SER B 226 9.56 14.30 0.31
N ASP B 227 9.85 13.15 0.94
CA ASP B 227 10.65 13.16 2.15
C ASP B 227 12.07 13.65 1.85
N VAL B 228 12.57 13.33 0.66
CA VAL B 228 13.90 13.78 0.22
C VAL B 228 13.99 15.32 0.18
N TRP B 229 12.91 16.00 -0.24
CA TRP B 229 12.87 17.46 -0.20
C TRP B 229 13.10 17.95 1.23
N SER B 230 12.32 17.36 2.14
CA SER B 230 12.44 17.65 3.56
C SER B 230 13.84 17.46 4.08
N PHE B 231 14.49 16.38 3.65
CA PHE B 231 15.90 16.14 4.00
C PHE B 231 16.81 17.28 3.53
N GLY B 232 16.53 17.82 2.35
CA GLY B 232 17.26 18.98 1.84
C GLY B 232 17.16 20.15 2.82
N VAL B 233 15.97 20.39 3.32
CA VAL B 233 15.76 21.48 4.26
C VAL B 233 16.48 21.16 5.57
N LEU B 234 16.42 19.90 5.99
CA LEU B 234 17.13 19.44 7.18
C LEU B 234 18.64 19.62 7.01
N LEU B 235 19.16 19.29 5.83
CA LEU B 235 20.58 19.54 5.54
C LEU B 235 20.92 21.01 5.79
N TRP B 236 20.07 21.89 5.28
CA TRP B 236 20.24 23.33 5.48
C TRP B 236 20.21 23.71 6.96
N GLU B 237 19.29 23.12 7.72
CA GLU B 237 19.27 23.31 9.18
C GLU B 237 20.56 22.88 9.85
N ILE B 238 21.12 21.77 9.40
CA ILE B 238 22.37 21.28 9.96
C ILE B 238 23.49 22.30 9.75
N PHE B 239 23.70 22.70 8.50
CA PHE B 239 24.85 23.55 8.18
C PHE B 239 24.66 25.04 8.51
N THR B 240 23.46 25.46 8.88
CA THR B 240 23.22 26.74 9.56
C THR B 240 23.18 26.56 11.09
N LEU B 241 23.50 25.37 11.57
CA LEU B 241 23.47 25.04 13.01
C LEU B 241 22.14 25.38 13.69
N GLY B 242 21.05 24.86 13.13
CA GLY B 242 19.73 25.05 13.70
C GLY B 242 19.07 26.36 13.28
N GLY B 243 19.44 26.87 12.11
CA GLY B 243 18.87 28.09 11.56
C GLY B 243 17.42 27.90 11.14
N SER B 244 16.69 29.01 11.08
CA SER B 244 15.26 29.01 10.78
C SER B 244 15.02 29.19 9.28
N PRO B 245 14.43 28.19 8.62
CA PRO B 245 14.20 28.38 7.17
C PRO B 245 13.20 29.50 6.86
N TYR B 246 13.48 30.25 5.80
CA TYR B 246 12.65 31.37 5.36
C TYR B 246 12.17 32.27 6.52
N PRO B 247 13.10 32.91 7.25
CA PRO B 247 12.66 33.69 8.41
C PRO B 247 11.81 34.89 8.02
N GLY B 248 10.67 35.06 8.70
CA GLY B 248 9.73 36.15 8.42
C GLY B 248 8.74 35.91 7.28
N VAL B 249 8.82 34.75 6.63
CA VAL B 249 8.03 34.49 5.44
C VAL B 249 6.75 33.76 5.84
N PRO B 250 5.56 34.38 5.66
CA PRO B 250 4.33 33.64 5.96
C PRO B 250 3.93 32.64 4.87
N VAL B 251 2.91 31.83 5.15
CA VAL B 251 2.54 30.70 4.28
C VAL B 251 2.25 31.15 2.85
N GLU B 252 1.47 32.21 2.70
CA GLU B 252 1.05 32.67 1.37
C GLU B 252 2.26 33.07 0.54
N GLU B 253 3.18 33.81 1.14
CA GLU B 253 4.37 34.25 0.44
C GLU B 253 5.26 33.06 0.12
N LEU B 254 5.33 32.09 1.05
CA LEU B 254 6.13 30.88 0.81
C LEU B 254 5.68 30.15 -0.44
N PHE B 255 4.37 30.00 -0.60
CA PHE B 255 3.82 29.34 -1.81
C PHE B 255 4.23 30.10 -3.04
N LYS B 256 4.16 31.42 -2.97
CA LYS B 256 4.58 32.28 -4.06
C LYS B 256 6.06 32.07 -4.38
N LEU B 257 6.92 32.03 -3.36
CA LEU B 257 8.35 31.78 -3.56
C LEU B 257 8.61 30.42 -4.26
N LEU B 258 7.96 29.37 -3.79
CA LEU B 258 8.20 28.03 -4.34
C LEU B 258 7.74 27.94 -5.80
N LYS B 259 6.63 28.58 -6.14
CA LYS B 259 6.14 28.61 -7.53
C LYS B 259 7.08 29.36 -8.46
N GLU B 260 7.74 30.39 -7.92
CA GLU B 260 8.78 31.13 -8.66
C GLU B 260 10.09 30.34 -8.77
N GLY B 261 10.16 29.17 -8.16
CA GLY B 261 11.37 28.37 -8.18
C GLY B 261 12.45 28.92 -7.26
N HIS B 262 12.07 29.74 -6.28
CA HIS B 262 13.04 30.30 -5.33
C HIS B 262 13.54 29.18 -4.43
N ARG B 263 14.84 29.23 -4.13
CA ARG B 263 15.52 28.21 -3.33
C ARG B 263 16.38 28.93 -2.29
N MET B 264 16.44 28.41 -1.06
CA MET B 264 17.22 29.04 0.00
C MET B 264 18.69 29.15 -0.40
N ASP B 265 19.32 30.27 -0.02
CA ASP B 265 20.72 30.53 -0.36
C ASP B 265 21.63 29.54 0.33
N LYS B 266 22.84 29.38 -0.20
CA LYS B 266 23.83 28.50 0.40
C LYS B 266 24.26 29.09 1.73
N PRO B 267 24.28 28.26 2.79
CA PRO B 267 24.86 28.73 4.05
C PRO B 267 26.36 28.97 3.91
N SER B 268 26.91 29.74 4.84
CA SER B 268 28.31 30.22 4.77
C SER B 268 29.32 29.10 4.86
N ASN B 269 29.21 28.27 5.91
CA ASN B 269 30.16 27.18 6.14
C ASN B 269 29.64 25.91 5.50
N CYS B 270 29.73 25.86 4.18
CA CYS B 270 29.11 24.81 3.41
C CYS B 270 29.73 24.77 2.02
N THR B 271 30.13 23.59 1.58
CA THR B 271 30.82 23.42 0.31
C THR B 271 29.80 23.49 -0.78
N ASN B 272 30.24 23.73 -2.01
CA ASN B 272 29.27 23.81 -3.10
C ASN B 272 28.61 22.46 -3.41
N GLU B 273 29.27 21.35 -3.07
CA GLU B 273 28.73 20.02 -3.31
C GLU B 273 27.53 19.76 -2.39
N LEU B 274 27.72 20.02 -1.10
CA LEU B 274 26.63 19.95 -0.12
C LEU B 274 25.46 20.83 -0.54
N TYR B 275 25.76 22.03 -1.06
CA TYR B 275 24.72 22.92 -1.51
C TYR B 275 24.03 22.34 -2.74
N MET B 276 24.82 21.82 -3.68
CA MET B 276 24.24 21.16 -4.86
C MET B 276 23.37 19.98 -4.44
N MET B 277 23.80 19.26 -3.41
CA MET B 277 22.99 18.18 -2.83
C MET B 277 21.67 18.71 -2.30
N MET B 278 21.70 19.81 -1.55
CA MET B 278 20.47 20.45 -1.12
C MET B 278 19.63 20.78 -2.34
N ARG B 279 20.26 21.46 -3.31
CA ARG B 279 19.58 21.84 -4.54
C ARG B 279 19.04 20.64 -5.30
N ASP B 280 19.80 19.54 -5.32
CA ASP B 280 19.32 18.27 -5.89
C ASP B 280 18.08 17.77 -5.16
N CYS B 281 18.14 17.75 -3.83
CA CYS B 281 16.97 17.43 -2.98
C CYS B 281 15.79 18.33 -3.25
N TRP B 282 16.05 19.53 -3.78
CA TRP B 282 14.99 20.50 -4.09
C TRP B 282 14.62 20.63 -5.59
N HIS B 283 15.00 19.67 -6.42
CA HIS B 283 14.56 19.63 -7.82
C HIS B 283 13.03 19.62 -7.85
N ALA B 284 12.42 20.43 -8.71
CA ALA B 284 10.95 20.50 -8.75
C ALA B 284 10.26 19.24 -9.33
N VAL B 285 11.03 18.37 -9.96
CA VAL B 285 10.55 17.08 -10.46
C VAL B 285 10.99 16.00 -9.49
N PRO B 286 10.04 15.42 -8.71
CA PRO B 286 10.39 14.43 -7.69
C PRO B 286 11.32 13.33 -8.19
N SER B 287 11.04 12.80 -9.39
CA SER B 287 11.84 11.74 -9.97
C SER B 287 13.29 12.13 -10.23
N GLN B 288 13.54 13.42 -10.43
CA GLN B 288 14.92 13.91 -10.63
C GLN B 288 15.70 14.05 -9.33
N ARG B 289 14.99 14.21 -8.21
CA ARG B 289 15.65 14.26 -6.91
C ARG B 289 16.36 12.94 -6.69
N PRO B 290 17.46 12.98 -5.91
CA PRO B 290 18.11 11.72 -5.55
C PRO B 290 17.27 10.92 -4.56
N THR B 291 17.60 9.63 -4.43
CA THR B 291 16.96 8.75 -3.46
C THR B 291 17.79 8.74 -2.18
N PHE B 292 17.22 8.21 -1.09
CA PHE B 292 17.98 8.11 0.16
C PHE B 292 19.16 7.19 0.03
N LYS B 293 19.02 6.13 -0.76
CA LYS B 293 20.11 5.23 -1.09
C LYS B 293 21.26 6.03 -1.73
N GLN B 294 20.92 6.82 -2.76
CA GLN B 294 21.91 7.67 -3.44
C GLN B 294 22.46 8.72 -2.49
N LEU B 295 21.56 9.41 -1.78
CA LEU B 295 21.99 10.36 -0.74
C LEU B 295 22.95 9.73 0.26
N VAL B 296 22.64 8.50 0.68
CA VAL B 296 23.50 7.79 1.63
C VAL B 296 24.87 7.45 1.04
N GLU B 297 24.87 7.04 -0.23
CA GLU B 297 26.13 6.74 -0.92
C GLU B 297 26.97 8.00 -1.02
N ASP B 298 26.36 9.09 -1.48
CA ASP B 298 27.07 10.37 -1.68
C ASP B 298 27.59 10.93 -0.37
N LEU B 299 26.78 10.85 0.70
CA LEU B 299 27.21 11.36 2.02
C LEU B 299 28.31 10.55 2.63
N ASP B 300 28.28 9.23 2.44
CA ASP B 300 29.37 8.36 2.90
C ASP B 300 30.69 8.79 2.23
N ARG B 301 30.62 8.98 0.92
CA ARG B 301 31.78 9.40 0.13
C ARG B 301 32.31 10.77 0.59
N ILE B 302 31.40 11.71 0.85
CA ILE B 302 31.77 13.05 1.28
C ILE B 302 32.34 13.07 2.70
N VAL B 303 31.81 12.23 3.59
CA VAL B 303 32.29 12.15 4.99
C VAL B 303 33.78 11.81 5.03
N ALA B 304 34.15 10.77 4.29
CA ALA B 304 35.52 10.24 4.28
C ALA B 304 36.53 11.31 3.84
N LEU B 305 36.17 12.09 2.82
CA LEU B 305 37.03 13.12 2.26
C LEU B 305 36.83 14.51 2.90
N THR B 306 36.36 14.54 4.14
CA THR B 306 36.17 15.79 4.88
C THR B 306 36.97 15.72 6.19
N SER B 307 37.47 16.87 6.64
CA SER B 307 38.34 16.96 7.83
C SER B 307 37.63 16.54 9.11
CL CL C . -15.67 -1.43 -14.51
C1 38O D . -13.10 -3.07 4.01
C3 38O D . -13.67 -3.19 1.67
C4 38O D . -13.76 -4.18 0.52
C6 38O D . -15.63 -5.08 2.06
C7 38O D . -14.86 -4.53 3.27
C8 38O D . -15.23 -6.07 -0.14
C12 38O D . -15.61 -9.80 -2.62
N13 38O D . -16.48 -8.83 -2.90
C15 38O D . -16.81 -6.56 -1.91
C16 38O D . -16.32 -5.70 -0.95
C17 38O D . -15.51 -11.11 -3.32
C18 38O D . -16.30 -11.34 -4.57
C21 38O D . -16.83 -13.04 -6.49
C23 38O D . -16.60 -14.30 -7.05
C24 38O D . -15.73 -15.20 -6.45
O29 38O D . -13.96 -12.03 -1.80
N2 38O D . -13.55 -3.95 2.92
N5 38O D . -14.84 -5.12 0.81
C9 38O D . -14.61 -7.33 -0.26
C10 38O D . -15.07 -8.23 -1.22
N11 38O D . -14.73 -9.48 -1.64
C14 38O D . -16.22 -7.81 -2.07
N19 38O D . -17.14 -10.40 -5.08
C20 38O D . -16.12 -12.66 -5.23
F22 38O D . -17.67 -12.16 -7.06
C25 38O D . -15.03 -14.89 -5.27
C26 38O D . -15.20 -13.66 -4.63
N27 38O D . -14.53 -13.36 -3.52
C28 38O D . -14.63 -12.20 -2.85
CL CL E . -4.23 -28.63 -7.79
CL CL F . -33.88 -24.85 -9.08
C1 38O G . 18.92 19.85 28.18
C3 38O G . 19.10 17.43 27.81
C4 38O G . 18.05 17.40 26.71
C6 38O G . 16.37 18.16 28.49
C7 38O G . 17.56 18.26 29.45
C8 38O G . 15.67 16.75 26.58
C12 38O G . 13.12 13.68 24.47
N13 38O G . 12.62 14.92 24.52
C15 38O G . 13.49 17.01 25.53
C16 38O G . 14.56 17.54 26.23
C17 38O G . 12.49 12.52 23.77
C18 38O G . 11.29 12.78 22.95
C21 38O G . 9.49 11.74 21.37
C23 38O G . 9.02 10.61 20.71
C24 38O G . 9.67 9.38 20.86
O29 38O G . 14.07 10.88 24.45
N2 38O G . 18.85 18.51 28.79
N5 38O G . 16.71 17.41 27.27
C9 38O G . 15.71 15.38 26.22
C10 38O G . 14.65 14.80 25.51
N11 38O G . 14.34 13.58 25.03
C14 38O G . 13.50 15.68 25.17
N19 38O G . 10.73 14.01 22.87
C20 38O G . 10.71 11.63 22.22
F22 38O G . 8.89 12.94 21.24
C25 38O G . 10.81 9.23 21.66
C26 38O G . 11.35 10.30 22.34
N27 38O G . 12.46 10.15 23.09
C28 38O G . 13.05 11.13 23.78
#